data_5QIP
#
_entry.id   5QIP
#
_cell.length_a   47.580
_cell.length_b   57.980
_cell.length_c   50.300
_cell.angle_alpha   90.000
_cell.angle_beta   116.680
_cell.angle_gamma   90.000
#
_symmetry.space_group_name_H-M   'P 1 21 1'
#
loop_
_entity.id
_entity.type
_entity.pdbx_description
1 polymer 'Ubiquitin thioesterase OTUB2'
2 non-polymer 'benzyl acetylcarbamate'
3 non-polymer 1,2-ETHANEDIOL
4 non-polymer DI(HYDROXYETHYL)ETHER
5 water water
#
_entity_poly.entity_id   1
_entity_poly.type   'polypeptide(L)'
_entity_poly.pdbx_seq_one_letter_code
;FNLISEKCDILSILRDHPENRIYRRKIEELSKRFTAIRKTKGDRNCFYRALGYSYLESLLGKSREIFKFKERVLQTPNDL
LAAGFEEHKFRNFFNAFYSVVELVEKDGSVSSLLKVFNDQSASDHIVQFLRLLTSAFIRNRADFFRHFIDEEMDIKDFCT
HEVEPMATECDHIQITALSQALSIALQVEYVDEMDTALNHHVFPEAATPSVYLLYKTSHYNILYA
;
_entity_poly.pdbx_strand_id   A
#
# COMPACT_ATOMS: atom_id res chain seq x y z
N PHE A 1 -9.71 1.57 16.15
CA PHE A 1 -8.76 2.07 15.09
C PHE A 1 -7.36 1.52 15.38
N ASN A 2 -7.29 0.19 15.59
CA ASN A 2 -6.08 -0.48 15.92
C ASN A 2 -5.20 -0.76 14.70
N LEU A 3 -5.75 -0.73 13.48
CA LEU A 3 -4.93 -1.07 12.29
C LEU A 3 -4.61 0.19 11.46
N ILE A 4 -5.57 1.10 11.32
CA ILE A 4 -5.42 2.37 10.57
C ILE A 4 -6.07 3.46 11.41
N SER A 5 -5.26 4.45 11.85
CA SER A 5 -5.71 5.49 12.81
C SER A 5 -6.59 6.56 12.18
N GLU A 6 -7.19 7.38 13.07
CA GLU A 6 -7.78 8.65 12.73
C GLU A 6 -6.69 9.58 12.18
N LYS A 7 -7.09 10.57 11.41
CA LYS A 7 -6.15 11.57 10.90
C LYS A 7 -5.62 12.45 12.03
N CYS A 8 -4.31 12.66 12.06
CA CYS A 8 -3.59 13.46 13.09
C CYS A 8 -2.78 14.56 12.40
N ASP A 9 -2.51 15.65 13.14
CA ASP A 9 -1.58 16.69 12.69
C ASP A 9 -0.20 16.07 12.45
N ILE A 10 0.52 16.52 11.41
CA ILE A 10 1.86 15.93 11.03
C ILE A 10 2.84 16.03 12.22
N LEU A 11 2.86 17.15 12.95
CA LEU A 11 3.88 17.33 14.00
C LEU A 11 3.58 16.47 15.24
N SER A 12 2.41 15.81 15.28
CA SER A 12 2.10 14.83 16.35
C SER A 12 3.10 13.66 16.39
N ILE A 13 3.87 13.39 15.32
CA ILE A 13 4.82 12.31 15.41
C ILE A 13 6.22 12.77 15.92
N LEU A 14 6.47 14.06 16.21
CA LEU A 14 7.73 14.45 16.87
C LEU A 14 7.93 13.62 18.16
N ARG A 15 6.85 13.32 18.88
CA ARG A 15 6.92 12.63 20.19
C ARG A 15 7.40 11.18 20.08
N ASP A 16 7.41 10.61 18.87
CA ASP A 16 7.91 9.25 18.68
C ASP A 16 9.44 9.18 18.75
N HIS A 17 10.16 10.29 18.53
CA HIS A 17 11.63 10.32 18.61
C HIS A 17 12.13 11.59 19.29
N PRO A 18 11.77 11.82 20.58
CA PRO A 18 12.05 13.09 21.21
C PRO A 18 13.55 13.36 21.32
N GLU A 19 13.97 14.62 21.26
CA GLU A 19 15.47 14.86 21.32
C GLU A 19 16.27 13.92 20.38
N ASN A 20 15.81 13.71 19.13
CA ASN A 20 16.67 13.10 18.07
C ASN A 20 16.71 14.13 16.94
N ARG A 21 17.80 14.91 16.83
CA ARG A 21 17.80 16.17 16.07
C ARG A 21 17.46 15.95 14.59
N ILE A 22 17.89 14.82 14.01
CA ILE A 22 17.74 14.62 12.54
C ILE A 22 16.26 14.30 12.23
N TYR A 23 15.64 13.46 13.04
CA TYR A 23 14.22 13.13 12.89
CA TYR A 23 14.21 13.13 12.91
C TYR A 23 13.38 14.39 13.09
N ARG A 24 13.73 15.22 14.10
CA ARG A 24 12.98 16.45 14.34
C ARG A 24 13.08 17.34 13.10
N ARG A 25 14.29 17.53 12.58
CA ARG A 25 14.50 18.41 11.40
C ARG A 25 13.64 17.88 10.21
N LYS A 26 13.73 16.58 9.93
CA LYS A 26 13.03 16.03 8.72
C LYS A 26 11.50 16.10 8.85
N ILE A 27 10.96 15.79 10.03
CA ILE A 27 9.50 15.93 10.31
C ILE A 27 9.04 17.40 10.18
N GLU A 28 9.85 18.35 10.67
CA GLU A 28 9.56 19.78 10.50
C GLU A 28 9.52 20.16 9.02
N GLU A 29 10.49 19.64 8.24
CA GLU A 29 10.52 19.88 6.77
C GLU A 29 9.26 19.26 6.12
N LEU A 30 8.92 18.02 6.50
CA LEU A 30 7.78 17.30 5.92
C LEU A 30 6.47 18.08 6.17
N SER A 31 6.40 18.77 7.32
CA SER A 31 5.19 19.48 7.77
C SER A 31 4.94 20.72 6.93
N LYS A 32 5.96 21.16 6.16
CA LYS A 32 5.79 22.29 5.25
C LYS A 32 5.04 21.86 3.97
N ARG A 33 5.05 20.56 3.64
CA ARG A 33 4.54 20.03 2.40
C ARG A 33 3.27 19.20 2.59
N PHE A 34 3.08 18.61 3.78
CA PHE A 34 1.91 17.77 4.12
C PHE A 34 1.23 18.29 5.40
N THR A 35 -0.10 18.14 5.51
CA THR A 35 -0.84 18.70 6.67
C THR A 35 -1.18 17.63 7.73
N ALA A 36 -1.30 16.37 7.29
CA ALA A 36 -1.90 15.37 8.18
C ALA A 36 -1.31 13.98 7.89
N ILE A 37 -1.50 13.08 8.87
CA ILE A 37 -0.94 11.73 8.78
C ILE A 37 -1.93 10.73 9.39
N ARG A 38 -2.00 9.52 8.84
CA ARG A 38 -2.67 8.39 9.50
C ARG A 38 -1.62 7.34 9.81
N LYS A 39 -1.64 6.81 11.03
CA LYS A 39 -0.71 5.78 11.49
C LYS A 39 -1.27 4.39 11.17
N THR A 40 -0.38 3.43 10.85
CA THR A 40 -0.74 2.05 10.56
C THR A 40 -0.07 1.14 11.60
N LYS A 41 -0.67 -0.01 11.87
CA LYS A 41 -0.06 -0.97 12.81
C LYS A 41 1.19 -1.55 12.17
N GLY A 42 2.32 -1.55 12.92
CA GLY A 42 3.57 -2.18 12.44
C GLY A 42 3.55 -3.67 12.68
N ASP A 43 3.08 -4.44 11.69
CA ASP A 43 2.96 -5.90 11.86
C ASP A 43 3.60 -6.65 10.66
N ARG A 44 4.35 -5.94 9.82
CA ARG A 44 4.97 -6.44 8.57
C ARG A 44 4.02 -6.40 7.37
N ASN A 45 2.77 -5.94 7.58
CA ASN A 45 1.71 -5.91 6.50
C ASN A 45 1.41 -4.46 6.10
N CYS A 46 2.14 -3.49 6.71
CA CYS A 46 1.68 -2.12 6.67
C CYS A 46 1.77 -1.51 5.26
N PHE A 47 2.70 -1.93 4.38
CA PHE A 47 2.66 -1.36 3.02
C PHE A 47 1.33 -1.68 2.32
N TYR A 48 0.96 -2.97 2.28
CA TYR A 48 -0.22 -3.43 1.57
C TYR A 48 -1.48 -2.79 2.18
N ARG A 49 -1.54 -2.80 3.50
CA ARG A 49 -2.71 -2.26 4.24
C ARG A 49 -2.82 -0.74 3.95
N ALA A 50 -1.71 0.01 4.03
CA ALA A 50 -1.71 1.49 3.79
C ALA A 50 -2.08 1.82 2.34
N LEU A 51 -1.47 1.09 1.40
CA LEU A 51 -1.74 1.37 -0.03
C LEU A 51 -3.21 1.07 -0.33
N GLY A 52 -3.71 -0.10 0.11
CA GLY A 52 -5.09 -0.45 -0.10
C GLY A 52 -6.09 0.58 0.42
N TYR A 53 -5.92 0.96 1.69
CA TYR A 53 -6.82 1.96 2.31
C TYR A 53 -6.71 3.31 1.58
N SER A 54 -5.49 3.86 1.41
CA SER A 54 -5.30 5.22 0.88
CA SER A 54 -5.33 5.23 0.89
C SER A 54 -5.80 5.33 -0.56
N TYR A 55 -5.51 4.30 -1.38
CA TYR A 55 -5.95 4.38 -2.78
C TYR A 55 -7.49 4.33 -2.86
N LEU A 56 -8.15 3.43 -2.13
CA LEU A 56 -9.60 3.35 -2.18
C LEU A 56 -10.24 4.65 -1.64
N GLU A 57 -9.66 5.25 -0.60
CA GLU A 57 -10.12 6.55 -0.03
C GLU A 57 -10.07 7.65 -1.10
N SER A 58 -9.00 7.65 -1.89
CA SER A 58 -8.78 8.66 -2.94
C SER A 58 -9.85 8.53 -4.05
N LEU A 59 -10.47 7.37 -4.22
CA LEU A 59 -11.51 7.13 -5.22
C LEU A 59 -12.91 7.60 -4.77
N LEU A 60 -13.18 7.78 -3.46
CA LEU A 60 -14.51 8.09 -2.95
C LEU A 60 -15.09 9.31 -3.69
N GLY A 61 -16.29 9.11 -4.24
CA GLY A 61 -17.06 10.15 -4.95
C GLY A 61 -16.68 10.35 -6.41
N LYS A 62 -15.75 9.57 -6.93
CA LYS A 62 -15.24 9.75 -8.31
C LYS A 62 -15.79 8.63 -9.19
N SER A 63 -17.00 8.81 -9.74
CA SER A 63 -17.75 7.67 -10.36
C SER A 63 -17.04 7.03 -11.57
N ARG A 64 -16.42 7.82 -12.46
CA ARG A 64 -15.72 7.22 -13.62
C ARG A 64 -14.48 6.43 -13.18
N GLU A 65 -13.71 6.99 -12.24
CA GLU A 65 -12.46 6.37 -11.76
C GLU A 65 -12.77 5.04 -11.03
N ILE A 66 -13.87 5.01 -10.26
CA ILE A 66 -14.34 3.81 -9.59
C ILE A 66 -14.72 2.75 -10.65
N PHE A 67 -15.46 3.16 -11.67
CA PHE A 67 -15.92 2.18 -12.70
C PHE A 67 -14.69 1.55 -13.39
N LYS A 68 -13.74 2.37 -13.79
CA LYS A 68 -12.49 1.87 -14.47
C LYS A 68 -11.69 0.93 -13.55
N PHE A 69 -11.62 1.29 -12.25
CA PHE A 69 -10.89 0.45 -11.31
C PHE A 69 -11.57 -0.90 -11.13
N LYS A 70 -12.90 -0.91 -10.95
CA LYS A 70 -13.70 -2.13 -10.83
C LYS A 70 -13.49 -3.01 -12.08
N GLU A 71 -13.48 -2.40 -13.27
CA GLU A 71 -13.17 -3.16 -14.52
C GLU A 71 -11.81 -3.89 -14.43
N ARG A 72 -10.78 -3.26 -13.87
CA ARG A 72 -9.47 -3.93 -13.76
C ARG A 72 -9.55 -5.05 -12.72
N VAL A 73 -10.18 -4.78 -11.58
CA VAL A 73 -10.24 -5.77 -10.48
C VAL A 73 -10.97 -7.02 -10.96
N LEU A 74 -12.02 -6.86 -11.78
CA LEU A 74 -12.71 -8.04 -12.33
C LEU A 74 -11.80 -8.95 -13.19
N GLN A 75 -10.75 -8.41 -13.79
CA GLN A 75 -9.80 -9.20 -14.60
C GLN A 75 -8.72 -9.88 -13.75
N THR A 76 -8.50 -9.43 -12.49
CA THR A 76 -7.35 -9.90 -11.70
C THR A 76 -7.35 -11.42 -11.47
N PRO A 77 -8.50 -12.14 -11.34
CA PRO A 77 -8.44 -13.61 -11.29
C PRO A 77 -7.68 -14.29 -12.46
N ASN A 78 -7.71 -13.68 -13.65
CA ASN A 78 -6.93 -14.23 -14.81
C ASN A 78 -5.41 -14.07 -14.60
N ASP A 79 -4.96 -12.97 -13.96
CA ASP A 79 -3.55 -12.79 -13.61
C ASP A 79 -3.13 -13.93 -12.68
N LEU A 80 -3.95 -14.20 -11.66
CA LEU A 80 -3.64 -15.24 -10.63
C LEU A 80 -3.57 -16.62 -11.31
N LEU A 81 -4.60 -16.96 -12.10
CA LEU A 81 -4.66 -18.24 -12.81
C LEU A 81 -3.46 -18.41 -13.75
N ALA A 82 -3.10 -17.38 -14.52
CA ALA A 82 -1.92 -17.48 -15.43
C ALA A 82 -0.60 -17.78 -14.70
N ALA A 83 -0.47 -17.34 -13.43
CA ALA A 83 0.76 -17.56 -12.64
C ALA A 83 0.74 -18.89 -11.86
N GLY A 84 -0.37 -19.63 -11.95
CA GLY A 84 -0.54 -20.97 -11.38
C GLY A 84 -1.28 -21.03 -10.04
N PHE A 85 -1.89 -19.93 -9.61
CA PHE A 85 -2.72 -19.96 -8.38
C PHE A 85 -4.05 -20.60 -8.77
N GLU A 86 -4.66 -21.36 -7.87
CA GLU A 86 -5.92 -22.06 -8.18
C GLU A 86 -7.11 -21.29 -7.61
N GLU A 87 -8.20 -21.23 -8.36
CA GLU A 87 -9.37 -20.39 -8.03
C GLU A 87 -9.93 -20.75 -6.64
N HIS A 88 -10.05 -22.05 -6.35
CA HIS A 88 -10.63 -22.44 -5.08
C HIS A 88 -9.72 -21.99 -3.92
N LYS A 89 -8.44 -21.71 -4.17
CA LYS A 89 -7.55 -21.24 -3.08
C LYS A 89 -7.47 -19.69 -2.94
N PHE A 90 -7.75 -18.91 -3.99
CA PHE A 90 -7.73 -17.44 -3.89
C PHE A 90 -9.14 -16.83 -3.77
N ARG A 91 -10.19 -17.61 -3.99
CA ARG A 91 -11.59 -17.13 -4.09
C ARG A 91 -11.95 -16.26 -2.88
N ASN A 92 -11.66 -16.72 -1.66
CA ASN A 92 -12.14 -16.00 -0.46
C ASN A 92 -11.46 -14.61 -0.34
N PHE A 93 -10.20 -14.55 -0.81
CA PHE A 93 -9.38 -13.28 -0.77
C PHE A 93 -9.82 -12.29 -1.87
N PHE A 94 -10.01 -12.78 -3.11
CA PHE A 94 -10.59 -11.99 -4.21
C PHE A 94 -11.98 -11.45 -3.82
N ASN A 95 -12.82 -12.29 -3.19
CA ASN A 95 -14.19 -11.85 -2.87
C ASN A 95 -14.15 -10.72 -1.83
N ALA A 96 -13.23 -10.80 -0.86
CA ALA A 96 -13.09 -9.72 0.14
C ALA A 96 -12.67 -8.40 -0.53
N PHE A 97 -11.72 -8.46 -1.48
CA PHE A 97 -11.26 -7.21 -2.17
C PHE A 97 -12.40 -6.65 -3.02
N TYR A 98 -13.11 -7.53 -3.76
CA TYR A 98 -14.18 -7.05 -4.64
C TYR A 98 -15.29 -6.39 -3.80
N SER A 99 -15.59 -6.99 -2.63
CA SER A 99 -16.60 -6.43 -1.69
C SER A 99 -16.25 -5.00 -1.25
N VAL A 100 -14.97 -4.74 -0.90
CA VAL A 100 -14.63 -3.41 -0.44
C VAL A 100 -14.62 -2.39 -1.61
N VAL A 101 -14.32 -2.82 -2.83
CA VAL A 101 -14.46 -1.98 -4.00
C VAL A 101 -15.96 -1.60 -4.22
N GLU A 102 -16.84 -2.57 -4.07
CA GLU A 102 -18.29 -2.27 -4.18
C GLU A 102 -18.72 -1.30 -3.06
N LEU A 103 -18.12 -1.42 -1.85
CA LEU A 103 -18.46 -0.48 -0.76
C LEU A 103 -18.10 0.97 -1.12
N VAL A 104 -16.94 1.16 -1.78
CA VAL A 104 -16.52 2.47 -2.29
C VAL A 104 -17.54 3.04 -3.31
N GLU A 105 -17.98 2.18 -4.22
CA GLU A 105 -19.00 2.50 -5.24
C GLU A 105 -20.34 2.86 -4.59
N LYS A 106 -20.85 2.02 -3.67
CA LYS A 106 -22.28 2.03 -3.30
C LYS A 106 -22.53 2.80 -2.00
N ASP A 107 -21.54 2.80 -1.10
CA ASP A 107 -21.67 3.42 0.21
C ASP A 107 -20.95 4.78 0.16
N GLY A 108 -19.65 4.75 -0.17
CA GLY A 108 -18.94 5.98 -0.47
C GLY A 108 -18.53 6.84 0.72
N SER A 109 -18.57 6.30 1.96
CA SER A 109 -18.13 7.10 3.13
C SER A 109 -16.73 6.70 3.59
N VAL A 110 -15.99 7.67 4.16
CA VAL A 110 -14.71 7.40 4.84
C VAL A 110 -14.99 6.51 6.05
N SER A 111 -16.10 6.79 6.80
CA SER A 111 -16.34 6.01 8.02
CA SER A 111 -16.38 6.01 8.03
C SER A 111 -16.53 4.51 7.75
N SER A 112 -17.29 4.13 6.69
CA SER A 112 -17.49 2.68 6.34
C SER A 112 -16.18 2.02 5.84
N LEU A 113 -15.39 2.78 5.11
CA LEU A 113 -14.12 2.23 4.54
C LEU A 113 -13.14 1.99 5.71
N LEU A 114 -13.02 2.96 6.62
CA LEU A 114 -12.19 2.83 7.81
C LEU A 114 -12.66 1.64 8.68
N LYS A 115 -13.98 1.39 8.77
CA LYS A 115 -14.45 0.26 9.54
C LYS A 115 -13.95 -1.07 8.95
N VAL A 116 -14.00 -1.23 7.63
CA VAL A 116 -13.56 -2.50 7.00
C VAL A 116 -12.05 -2.68 7.23
N PHE A 117 -11.27 -1.60 7.12
CA PHE A 117 -9.77 -1.73 7.20
C PHE A 117 -9.31 -1.93 8.66
N ASN A 118 -10.16 -1.61 9.65
CA ASN A 118 -9.89 -1.89 11.05
C ASN A 118 -10.52 -3.20 11.54
N ASP A 119 -11.26 -3.93 10.70
CA ASP A 119 -11.81 -5.23 11.06
C ASP A 119 -10.71 -6.25 10.76
N GLN A 120 -10.16 -6.91 11.77
CA GLN A 120 -8.97 -7.75 11.56
C GLN A 120 -9.20 -8.75 10.42
N SER A 121 -10.36 -9.41 10.41
CA SER A 121 -10.65 -10.46 9.43
C SER A 121 -10.74 -9.89 8.01
N ALA A 122 -11.59 -8.90 7.78
CA ALA A 122 -11.74 -8.30 6.42
C ALA A 122 -10.39 -7.72 5.95
N SER A 123 -9.73 -6.99 6.84
CA SER A 123 -8.50 -6.24 6.47
C SER A 123 -7.40 -7.24 6.09
N ASP A 124 -7.22 -8.31 6.88
CA ASP A 124 -6.22 -9.34 6.61
C ASP A 124 -6.58 -10.12 5.33
N HIS A 125 -7.86 -10.34 5.01
CA HIS A 125 -8.26 -11.00 3.73
C HIS A 125 -7.84 -10.09 2.54
N ILE A 126 -8.05 -8.79 2.69
CA ILE A 126 -7.66 -7.78 1.70
C ILE A 126 -6.13 -7.80 1.49
N VAL A 127 -5.37 -7.72 2.58
CA VAL A 127 -3.88 -7.78 2.50
C VAL A 127 -3.45 -9.06 1.79
N GLN A 128 -4.01 -10.22 2.16
CA GLN A 128 -3.56 -11.49 1.53
C GLN A 128 -3.84 -11.48 0.01
N PHE A 129 -4.98 -10.94 -0.43
CA PHE A 129 -5.33 -10.81 -1.87
C PHE A 129 -4.24 -9.96 -2.57
N LEU A 130 -3.89 -8.82 -1.94
CA LEU A 130 -2.93 -7.89 -2.58
C LEU A 130 -1.54 -8.57 -2.70
N ARG A 131 -1.15 -9.38 -1.69
CA ARG A 131 0.10 -10.15 -1.74
C ARG A 131 0.07 -11.16 -2.89
N LEU A 132 -1.01 -11.92 -3.03
CA LEU A 132 -1.10 -12.93 -4.15
C LEU A 132 -1.06 -12.23 -5.52
N LEU A 133 -1.72 -11.08 -5.64
CA LEU A 133 -1.66 -10.32 -6.94
C LEU A 133 -0.24 -9.81 -7.23
N THR A 134 0.45 -9.29 -6.22
CA THR A 134 1.84 -8.87 -6.36
C THR A 134 2.70 -10.04 -6.88
N SER A 135 2.61 -11.20 -6.22
CA SER A 135 3.33 -12.40 -6.64
C SER A 135 3.02 -12.81 -8.08
N ALA A 136 1.71 -12.87 -8.43
CA ALA A 136 1.28 -13.24 -9.80
C ALA A 136 1.90 -12.28 -10.84
N PHE A 137 1.88 -10.98 -10.55
CA PHE A 137 2.36 -9.97 -11.48
C PHE A 137 3.88 -10.13 -11.71
N ILE A 138 4.62 -10.43 -10.64
CA ILE A 138 6.08 -10.63 -10.71
C ILE A 138 6.35 -11.90 -11.53
N ARG A 139 5.63 -12.98 -11.20
CA ARG A 139 5.83 -14.30 -11.86
C ARG A 139 5.56 -14.16 -13.37
N ASN A 140 4.49 -13.46 -13.73
CA ASN A 140 4.04 -13.40 -15.13
C ASN A 140 4.96 -12.47 -15.95
N ARG A 141 5.75 -11.61 -15.29
CA ARG A 141 6.72 -10.72 -15.94
C ARG A 141 8.13 -10.91 -15.39
N ALA A 142 8.54 -12.17 -15.21
CA ALA A 142 9.83 -12.48 -14.60
C ALA A 142 11.00 -11.84 -15.39
N ASP A 143 10.86 -11.66 -16.72
CA ASP A 143 11.97 -11.11 -17.56
C ASP A 143 12.26 -9.66 -17.13
N PHE A 144 11.21 -8.89 -16.83
CA PHE A 144 11.33 -7.50 -16.39
C PHE A 144 11.86 -7.42 -14.96
N PHE A 145 11.37 -8.28 -14.03
CA PHE A 145 11.68 -8.10 -12.58
C PHE A 145 12.96 -8.81 -12.13
N ARG A 146 13.66 -9.50 -13.03
CA ARG A 146 14.95 -10.11 -12.63
C ARG A 146 15.95 -9.01 -12.16
N HIS A 147 15.72 -7.77 -12.58
CA HIS A 147 16.64 -6.64 -12.35
C HIS A 147 16.76 -6.26 -10.85
N PHE A 148 15.68 -6.49 -10.08
CA PHE A 148 15.62 -6.08 -8.66
C PHE A 148 16.18 -7.22 -7.78
N GLU A 151 20.90 -11.77 -8.99
CA GLU A 151 20.96 -12.77 -10.07
C GLU A 151 20.89 -14.19 -9.49
N GLU A 152 21.50 -14.37 -8.32
CA GLU A 152 21.70 -15.70 -7.68
C GLU A 152 20.36 -16.30 -7.23
N MET A 153 19.35 -15.46 -6.90
CA MET A 153 18.01 -15.89 -6.35
C MET A 153 16.94 -16.07 -7.46
N ASP A 154 16.20 -17.17 -7.39
CA ASP A 154 15.15 -17.39 -8.33
C ASP A 154 14.05 -16.37 -8.00
N ILE A 155 13.46 -15.80 -9.04
CA ILE A 155 12.19 -15.03 -8.93
C ILE A 155 11.11 -15.82 -8.20
N LYS A 156 10.97 -17.11 -8.52
CA LYS A 156 9.94 -17.98 -7.93
C LYS A 156 10.17 -18.11 -6.42
N ASP A 157 11.42 -18.33 -6.02
CA ASP A 157 11.77 -18.46 -4.60
C ASP A 157 11.55 -17.10 -3.88
N PHE A 158 11.91 -15.99 -4.50
CA PHE A 158 11.66 -14.66 -3.91
C PHE A 158 10.16 -14.51 -3.63
N CYS A 159 9.34 -14.87 -4.60
CA CYS A 159 7.82 -14.67 -4.46
C CYS A 159 7.28 -15.56 -3.32
N THR A 160 7.70 -16.83 -3.27
CA THR A 160 7.32 -17.81 -2.24
C THR A 160 7.71 -17.37 -0.82
N HIS A 161 8.85 -16.73 -0.65
CA HIS A 161 9.42 -16.41 0.67
C HIS A 161 9.16 -14.96 1.11
N GLU A 162 9.12 -14.00 0.17
CA GLU A 162 9.20 -12.59 0.58
C GLU A 162 7.98 -11.77 0.09
N VAL A 163 7.04 -12.41 -0.61
CA VAL A 163 5.84 -11.71 -1.12
C VAL A 163 4.57 -12.37 -0.57
N GLU A 164 4.36 -13.69 -0.84
CA GLU A 164 3.11 -14.39 -0.50
C GLU A 164 2.81 -14.47 1.00
N PRO A 165 3.81 -14.76 1.88
CA PRO A 165 3.48 -14.96 3.31
C PRO A 165 3.06 -13.64 4.00
N MET A 166 2.02 -13.68 4.81
CA MET A 166 1.69 -12.53 5.68
C MET A 166 2.91 -12.15 6.52
N ALA A 167 3.02 -10.85 6.82
CA ALA A 167 4.01 -10.24 7.74
C ALA A 167 5.41 -10.16 7.13
N THR A 168 5.60 -10.41 5.81
CA THR A 168 6.89 -10.22 5.13
C THR A 168 6.98 -8.79 4.60
N GLU A 169 8.11 -8.12 4.92
CA GLU A 169 8.36 -6.69 4.62
C GLU A 169 8.61 -6.48 3.11
N CYS A 170 8.24 -5.29 2.64
CA CYS A 170 8.31 -4.81 1.26
C CYS A 170 9.73 -4.25 1.01
N ASP A 171 10.11 -4.24 -0.27
CA ASP A 171 11.24 -3.49 -0.80
C ASP A 171 10.74 -2.90 -2.12
N HIS A 172 11.62 -2.21 -2.87
CA HIS A 172 11.23 -1.53 -4.15
C HIS A 172 10.50 -2.48 -5.11
N ILE A 173 10.89 -3.76 -5.18
CA ILE A 173 10.30 -4.63 -6.18
C ILE A 173 8.80 -4.84 -5.97
N GLN A 174 8.40 -5.07 -4.71
CA GLN A 174 6.98 -5.33 -4.36
C GLN A 174 6.18 -4.05 -4.61
N ILE A 175 6.75 -2.89 -4.29
CA ILE A 175 6.04 -1.62 -4.53
C ILE A 175 5.79 -1.38 -6.03
N THR A 176 6.86 -1.51 -6.85
CA THR A 176 6.73 -1.35 -8.32
C THR A 176 5.68 -2.34 -8.88
N ALA A 177 5.76 -3.58 -8.46
CA ALA A 177 4.86 -4.62 -8.97
C ALA A 177 3.39 -4.31 -8.64
N LEU A 178 3.06 -3.99 -7.38
CA LEU A 178 1.62 -3.78 -7.03
C LEU A 178 1.12 -2.49 -7.71
N SER A 179 1.98 -1.47 -7.78
CA SER A 179 1.66 -0.20 -8.51
C SER A 179 1.30 -0.52 -9.98
N GLN A 180 2.11 -1.35 -10.65
CA GLN A 180 1.85 -1.73 -12.04
C GLN A 180 0.61 -2.62 -12.16
N ALA A 181 0.43 -3.55 -11.20
CA ALA A 181 -0.65 -4.53 -11.29
C ALA A 181 -2.06 -3.90 -11.18
N LEU A 182 -2.17 -2.77 -10.47
CA LEU A 182 -3.44 -2.09 -10.25
C LEU A 182 -3.47 -0.67 -10.86
N SER A 183 -2.43 -0.29 -11.61
CA SER A 183 -2.30 1.07 -12.19
C SER A 183 -2.46 2.16 -11.13
N ILE A 184 -1.82 2.00 -9.95
CA ILE A 184 -1.86 3.00 -8.86
C ILE A 184 -0.53 3.77 -8.86
N ALA A 185 -0.61 5.09 -9.00
CA ALA A 185 0.58 5.95 -8.89
C ALA A 185 0.74 6.39 -7.45
N LEU A 186 1.94 6.23 -6.88
CA LEU A 186 2.16 6.60 -5.49
C LEU A 186 3.54 7.22 -5.31
N GLN A 187 3.66 8.03 -4.25
CA GLN A 187 4.94 8.69 -3.90
C GLN A 187 5.30 8.25 -2.49
N VAL A 188 6.57 7.80 -2.29
CA VAL A 188 7.10 7.43 -0.98
C VAL A 188 8.13 8.47 -0.55
N GLU A 189 7.90 9.08 0.63
CA GLU A 189 8.84 10.00 1.34
C GLU A 189 9.69 9.19 2.31
N TYR A 190 11.02 9.36 2.25
CA TYR A 190 11.94 8.56 3.02
C TYR A 190 12.49 9.41 4.17
N VAL A 191 12.26 8.99 5.42
CA VAL A 191 12.84 9.61 6.64
C VAL A 191 13.75 8.60 7.37
N ASP A 192 15.05 8.61 7.04
CA ASP A 192 16.04 7.71 7.73
C ASP A 192 16.83 8.54 8.76
N GLU A 193 17.78 7.88 9.46
CA GLU A 193 18.47 8.54 10.57
C GLU A 193 19.76 9.24 10.12
N MET A 194 20.08 9.24 8.81
CA MET A 194 21.29 9.90 8.31
C MET A 194 21.07 11.41 8.13
N ASP A 195 22.16 12.18 8.22
CA ASP A 195 22.07 13.63 8.10
C ASP A 195 22.02 14.03 6.61
N THR A 196 20.94 13.67 5.95
CA THR A 196 20.77 13.80 4.49
C THR A 196 19.49 14.61 4.17
N ALA A 197 19.29 14.95 2.89
CA ALA A 197 18.08 15.62 2.46
C ALA A 197 16.87 14.67 2.58
N LEU A 198 15.76 15.21 3.10
CA LEU A 198 14.44 14.61 2.91
C LEU A 198 14.18 14.45 1.42
N ASN A 199 13.83 13.25 1.00
CA ASN A 199 13.74 12.91 -0.38
C ASN A 199 12.60 11.93 -0.65
N HIS A 200 12.24 11.76 -1.92
CA HIS A 200 11.08 10.85 -2.30
C HIS A 200 11.32 10.17 -3.64
N HIS A 201 10.51 9.11 -3.94
CA HIS A 201 10.45 8.39 -5.24
C HIS A 201 8.97 8.26 -5.67
N VAL A 202 8.70 8.39 -6.97
CA VAL A 202 7.37 8.26 -7.53
C VAL A 202 7.36 6.96 -8.34
N PHE A 203 6.27 6.18 -8.18
CA PHE A 203 6.06 4.90 -8.85
C PHE A 203 4.75 4.99 -9.62
N PRO A 204 4.80 4.97 -10.97
CA PRO A 204 5.98 5.07 -11.83
C PRO A 204 6.49 6.50 -12.02
N GLU A 205 7.63 6.65 -12.71
CA GLU A 205 8.46 7.89 -12.77
C GLU A 205 7.64 9.11 -13.19
N ALA A 206 6.85 8.98 -14.24
CA ALA A 206 6.26 10.18 -14.87
C ALA A 206 5.07 10.76 -14.07
N ALA A 207 4.48 9.99 -13.14
CA ALA A 207 3.05 10.02 -12.85
C ALA A 207 2.68 11.09 -11.81
N THR A 208 1.40 11.50 -11.82
CA THR A 208 0.74 12.27 -10.76
C THR A 208 0.26 11.28 -9.69
N PRO A 209 0.78 11.35 -8.44
CA PRO A 209 0.40 10.39 -7.42
C PRO A 209 -1.06 10.54 -6.96
N SER A 210 -1.72 9.40 -6.68
CA SER A 210 -2.96 9.29 -5.94
C SER A 210 -2.71 9.23 -4.42
N VAL A 211 -1.59 8.60 -4.05
CA VAL A 211 -1.29 8.17 -2.67
C VAL A 211 0.09 8.73 -2.30
N TYR A 212 0.25 9.21 -1.06
CA TYR A 212 1.57 9.58 -0.47
C TYR A 212 1.82 8.73 0.79
N LEU A 213 2.96 8.04 0.89
CA LEU A 213 3.32 7.25 2.08
C LEU A 213 4.61 7.80 2.68
N LEU A 214 4.72 7.67 4.01
CA LEU A 214 5.90 8.02 4.74
C LEU A 214 6.57 6.72 5.15
N TYR A 215 7.84 6.50 4.74
CA TYR A 215 8.62 5.31 5.17
C TYR A 215 9.69 5.69 6.19
N LYS A 216 9.63 5.07 7.39
CA LYS A 216 10.46 5.48 8.55
C LYS A 216 10.50 4.31 9.54
N THR A 217 11.69 3.98 10.08
CA THR A 217 11.86 2.82 10.98
C THR A 217 11.11 1.59 10.38
N SER A 218 11.42 1.26 9.11
CA SER A 218 10.89 0.12 8.22
C SER A 218 9.35 -0.02 8.23
N HIS A 219 8.68 1.11 8.36
CA HIS A 219 7.26 1.18 8.61
C HIS A 219 6.61 2.25 7.68
N TYR A 220 5.39 1.97 7.14
CA TYR A 220 4.71 2.86 6.14
C TYR A 220 3.45 3.44 6.80
N ASN A 221 3.38 4.76 6.85
CA ASN A 221 2.21 5.57 7.30
C ASN A 221 1.68 6.39 6.12
N ILE A 222 0.43 6.91 6.24
CA ILE A 222 -0.26 7.62 5.12
C ILE A 222 -0.15 9.14 5.31
N LEU A 223 0.22 9.87 4.26
CA LEU A 223 0.31 11.34 4.30
C LEU A 223 -0.80 11.97 3.44
N TYR A 224 -1.17 13.19 3.81
CA TYR A 224 -2.18 14.03 3.15
C TYR A 224 -1.55 15.37 2.74
N ALA A 225 -1.67 15.67 1.43
CA ALA A 225 -1.17 16.94 0.81
C ALA A 225 -2.27 18.01 0.82
#